data_6BC5
#
_entry.id   6BC5
#
_cell.length_a   78.068
_cell.length_b   78.068
_cell.length_c   83.278
_cell.angle_alpha   90.000
_cell.angle_beta   90.000
_cell.angle_gamma   120.000
#
_symmetry.space_group_name_H-M   'P 61'
#
loop_
_entity.id
_entity.type
_entity.pdbx_description
1 polymer 'AAC 3-VI protein'
2 non-polymer 'COENZYME A'
3 water water
#
_entity_poly.entity_id   1
_entity_poly.type   'polypeptide(L)'
_entity_poly.pdbx_seq_one_letter_code
;GSHMTDPRKNGDLHEPATAPATPWSKSELVRQLRDLGVRSGDMVMPHVSLRAVGPLADGPQTLVDALIEAVGPTGNILAF
VSWRDSPYEQTLGHDAPPAAIAQSWPAFDPDHAPAYPGFGAINEFIRTYPGCRRTAHPDASMAAIGPDAAWLVAPHEMGA
AYGPRSPIARFLAHAGKILSIGAGPDAVTALHYAEAVARIEGKRRVTYSMPLLREGKRVWVTTSDWDSNGILDEYAAPDG
PDAVERIARDYLARTRVAQGPVGGAQSRLIDAADIVSFGIEWLEARHAAPAAAALKPKQRRD
;
_entity_poly.pdbx_strand_id   A
#
loop_
_chem_comp.id
_chem_comp.type
_chem_comp.name
_chem_comp.formula
COA non-polymer 'COENZYME A' 'C21 H36 N7 O16 P3 S'
#
# COMPACT_ATOMS: atom_id res chain seq x y z
N THR A 22 7.58 -28.70 -7.74
CA THR A 22 8.25 -28.02 -8.84
C THR A 22 7.92 -26.52 -8.83
N PRO A 23 8.95 -25.68 -8.70
CA PRO A 23 8.73 -24.24 -8.55
C PRO A 23 8.04 -23.63 -9.75
N TRP A 24 7.25 -22.59 -9.49
CA TRP A 24 6.57 -21.87 -10.55
C TRP A 24 7.57 -21.05 -11.36
N SER A 25 7.40 -21.07 -12.67
CA SER A 25 8.26 -20.30 -13.56
C SER A 25 7.67 -18.92 -13.83
N LYS A 26 8.52 -18.04 -14.36
CA LYS A 26 8.07 -16.69 -14.69
C LYS A 26 6.98 -16.73 -15.76
N SER A 27 7.16 -17.58 -16.78
N SER A 27 7.15 -17.59 -16.78
CA SER A 27 6.16 -17.67 -17.85
CA SER A 27 6.17 -17.68 -17.85
C SER A 27 4.84 -18.24 -17.35
C SER A 27 4.85 -18.23 -17.35
N GLU A 28 4.88 -19.14 -16.36
CA GLU A 28 3.65 -19.68 -15.80
C GLU A 28 2.86 -18.60 -15.06
N LEU A 29 3.55 -17.73 -14.32
CA LEU A 29 2.87 -16.68 -13.58
C LEU A 29 2.28 -15.64 -14.52
N VAL A 30 3.02 -15.28 -15.57
CA VAL A 30 2.50 -14.29 -16.53
C VAL A 30 1.22 -14.78 -17.16
N ARG A 31 1.16 -16.07 -17.51
CA ARG A 31 -0.08 -16.64 -18.04
C ARG A 31 -1.22 -16.56 -17.02
N GLN A 32 -0.92 -16.89 -15.76
CA GLN A 32 -1.93 -16.79 -14.72
C GLN A 32 -2.39 -15.35 -14.52
N LEU A 33 -1.46 -14.40 -14.56
CA LEU A 33 -1.85 -13.00 -14.47
C LEU A 33 -2.70 -12.59 -15.65
N ARG A 34 -2.40 -13.13 -16.84
CA ARG A 34 -3.21 -12.83 -18.01
C ARG A 34 -4.63 -13.39 -17.88
N ASP A 35 -4.75 -14.63 -17.40
CA ASP A 35 -6.07 -15.22 -17.19
C ASP A 35 -6.87 -14.40 -16.18
N LEU A 36 -6.20 -13.87 -15.15
CA LEU A 36 -6.88 -13.10 -14.12
C LEU A 36 -7.43 -11.78 -14.64
N GLY A 37 -6.84 -11.24 -15.71
CA GLY A 37 -7.35 -10.01 -16.29
C GLY A 37 -6.34 -8.88 -16.32
N VAL A 38 -5.10 -9.20 -15.97
CA VAL A 38 -4.03 -8.20 -16.04
C VAL A 38 -3.64 -8.00 -17.50
N ARG A 39 -3.66 -6.75 -17.94
CA ARG A 39 -3.37 -6.40 -19.33
C ARG A 39 -2.15 -5.48 -19.39
N SER A 40 -1.46 -5.52 -20.53
CA SER A 40 -0.34 -4.63 -20.75
C SER A 40 -0.80 -3.17 -20.70
N GLY A 41 -0.10 -2.37 -19.91
CA GLY A 41 -0.47 -0.99 -19.68
C GLY A 41 -1.22 -0.74 -18.39
N ASP A 42 -1.60 -1.80 -17.66
CA ASP A 42 -2.33 -1.63 -16.41
C ASP A 42 -1.44 -1.02 -15.33
N MET A 43 -2.08 -0.31 -14.41
CA MET A 43 -1.44 0.18 -13.19
C MET A 43 -1.94 -0.70 -12.04
N VAL A 44 -1.04 -1.51 -11.50
CA VAL A 44 -1.40 -2.59 -10.58
C VAL A 44 -0.76 -2.33 -9.22
N MET A 45 -1.53 -2.58 -8.16
CA MET A 45 -1.02 -2.49 -6.79
C MET A 45 -1.11 -3.87 -6.13
N PRO A 46 0.00 -4.58 -5.96
CA PRO A 46 -0.06 -5.94 -5.42
C PRO A 46 0.01 -6.00 -3.90
N HIS A 47 -0.75 -6.95 -3.35
CA HIS A 47 -0.66 -7.35 -1.94
C HIS A 47 -0.44 -8.86 -1.95
N VAL A 48 0.74 -9.30 -1.54
CA VAL A 48 1.22 -10.64 -1.83
C VAL A 48 1.50 -11.41 -0.54
N SER A 49 1.08 -12.67 -0.53
CA SER A 49 1.51 -13.64 0.47
C SER A 49 2.41 -14.63 -0.26
N LEU A 50 3.72 -14.52 -0.04
CA LEU A 50 4.66 -15.42 -0.70
C LEU A 50 4.41 -16.87 -0.31
N ARG A 51 3.99 -17.12 0.94
CA ARG A 51 3.73 -18.50 1.35
C ARG A 51 2.49 -19.06 0.68
N ALA A 52 1.52 -18.22 0.35
CA ALA A 52 0.39 -18.70 -0.44
C ALA A 52 0.79 -18.99 -1.88
N VAL A 53 1.74 -18.22 -2.43
CA VAL A 53 2.17 -18.43 -3.81
C VAL A 53 2.87 -19.78 -3.95
N GLY A 54 3.75 -20.10 -3.03
CA GLY A 54 4.51 -21.33 -3.10
C GLY A 54 5.90 -21.10 -3.66
N PRO A 55 6.68 -22.17 -3.80
CA PRO A 55 8.06 -22.03 -4.27
C PRO A 55 8.12 -21.52 -5.70
N LEU A 56 9.01 -20.56 -5.93
CA LEU A 56 9.23 -19.96 -7.23
C LEU A 56 10.59 -20.37 -7.78
N ALA A 57 10.75 -20.23 -9.09
CA ALA A 57 11.97 -20.70 -9.75
C ALA A 57 13.21 -20.03 -9.17
N ASP A 58 13.18 -18.70 -9.04
CA ASP A 58 14.30 -17.94 -8.51
C ASP A 58 13.84 -17.07 -7.34
N GLY A 59 13.06 -17.66 -6.44
CA GLY A 59 12.59 -16.96 -5.27
C GLY A 59 11.58 -15.89 -5.59
N PRO A 60 11.40 -14.95 -4.66
CA PRO A 60 10.38 -13.90 -4.86
C PRO A 60 10.61 -13.04 -6.10
N GLN A 61 11.84 -12.96 -6.61
CA GLN A 61 12.10 -12.15 -7.79
C GLN A 61 11.37 -12.68 -9.02
N THR A 62 11.06 -13.99 -9.05
CA THR A 62 10.33 -14.54 -10.18
C THR A 62 8.95 -13.91 -10.30
N LEU A 63 8.27 -13.68 -9.17
CA LEU A 63 6.96 -13.06 -9.21
C LEU A 63 7.07 -11.58 -9.59
N VAL A 64 8.10 -10.89 -9.09
CA VAL A 64 8.31 -9.49 -9.44
C VAL A 64 8.52 -9.35 -10.95
N ASP A 65 9.37 -10.22 -11.52
CA ASP A 65 9.59 -10.18 -12.96
C ASP A 65 8.29 -10.46 -13.73
N ALA A 66 7.47 -11.39 -13.22
CA ALA A 66 6.21 -11.70 -13.87
C ALA A 66 5.22 -10.53 -13.78
N LEU A 67 5.20 -9.84 -12.64
CA LEU A 67 4.34 -8.66 -12.51
C LEU A 67 4.75 -7.58 -13.50
N ILE A 68 6.05 -7.37 -13.67
CA ILE A 68 6.54 -6.33 -14.56
C ILE A 68 6.25 -6.68 -16.02
N GLU A 69 6.39 -7.96 -16.37
CA GLU A 69 6.09 -8.38 -17.74
C GLU A 69 4.60 -8.29 -18.03
N ALA A 70 3.76 -8.60 -17.03
CA ALA A 70 2.32 -8.57 -17.23
C ALA A 70 1.82 -7.16 -17.51
N VAL A 71 2.33 -6.17 -16.78
CA VAL A 71 1.89 -4.80 -17.00
C VAL A 71 2.56 -4.15 -18.21
N GLY A 72 3.66 -4.73 -18.70
CA GLY A 72 4.30 -4.24 -19.90
C GLY A 72 5.11 -2.97 -19.67
N PRO A 73 5.71 -2.45 -20.74
CA PRO A 73 6.56 -1.26 -20.58
C PRO A 73 5.79 0.01 -20.29
N THR A 74 4.53 0.12 -20.73
CA THR A 74 3.71 1.28 -20.42
C THR A 74 2.90 1.10 -19.14
N GLY A 75 2.96 -0.07 -18.51
CA GLY A 75 2.25 -0.31 -17.27
C GLY A 75 3.03 0.16 -16.07
N ASN A 76 2.40 0.04 -14.90
CA ASN A 76 2.97 0.55 -13.67
C ASN A 76 2.65 -0.39 -12.51
N ILE A 77 3.59 -0.47 -11.57
CA ILE A 77 3.42 -1.21 -10.33
C ILE A 77 3.58 -0.25 -9.17
N LEU A 78 2.61 -0.26 -8.25
CA LEU A 78 2.64 0.58 -7.06
C LEU A 78 2.49 -0.31 -5.84
N ALA A 79 3.41 -0.16 -4.88
CA ALA A 79 3.40 -0.99 -3.69
C ALA A 79 3.51 -0.10 -2.44
N PHE A 80 2.77 -0.47 -1.41
CA PHE A 80 2.87 0.17 -0.10
C PHE A 80 3.92 -0.59 0.70
N VAL A 81 5.10 0.01 0.85
CA VAL A 81 6.23 -0.67 1.45
C VAL A 81 6.57 -0.14 2.84
N SER A 82 6.23 1.11 3.15
CA SER A 82 6.50 1.74 4.45
C SER A 82 8.01 1.68 4.72
N TRP A 83 8.38 1.53 6.00
CA TRP A 83 9.76 1.60 6.43
C TRP A 83 9.95 0.63 7.60
N ARG A 84 11.02 -0.18 7.52
CA ARG A 84 11.29 -1.15 8.57
C ARG A 84 11.51 -0.47 9.92
N ASP A 85 12.15 0.70 9.91
CA ASP A 85 12.48 1.39 11.14
C ASP A 85 11.70 2.70 11.28
N SER A 86 10.41 2.66 11.02
CA SER A 86 9.59 3.85 11.20
C SER A 86 9.41 4.14 12.69
N PRO A 87 9.72 5.35 13.15
CA PRO A 87 9.56 5.73 14.55
C PRO A 87 8.11 6.11 14.91
N TYR A 88 7.16 5.33 14.41
CA TYR A 88 5.75 5.65 14.58
C TYR A 88 5.34 5.58 16.05
N GLU A 89 5.47 4.39 16.65
CA GLU A 89 5.06 4.23 18.05
C GLU A 89 5.95 5.04 18.99
N GLN A 90 7.21 5.28 18.60
CA GLN A 90 8.13 6.00 19.47
C GLN A 90 7.83 7.50 19.54
N THR A 91 7.11 8.04 18.57
CA THR A 91 6.75 9.46 18.57
C THR A 91 5.24 9.69 18.59
N LEU A 92 4.43 8.63 18.64
CA LEU A 92 2.98 8.77 18.60
C LEU A 92 2.48 9.59 19.79
N GLY A 93 1.53 10.48 19.51
CA GLY A 93 0.88 11.24 20.56
C GLY A 93 1.73 12.32 21.19
N HIS A 94 2.83 12.71 20.56
CA HIS A 94 3.70 13.74 21.07
C HIS A 94 3.78 14.90 20.08
N ASP A 95 3.90 16.12 20.62
CA ASP A 95 4.06 17.31 19.80
C ASP A 95 5.45 17.39 19.18
N ALA A 96 6.36 16.50 19.56
CA ALA A 96 7.72 16.49 19.06
C ALA A 96 8.34 15.14 19.38
N PRO A 97 9.36 14.72 18.64
CA PRO A 97 10.04 13.47 18.98
C PRO A 97 10.69 13.57 20.34
N PRO A 98 10.48 12.58 21.21
CA PRO A 98 11.21 12.55 22.49
C PRO A 98 12.71 12.68 22.25
N ALA A 99 13.39 13.25 23.26
CA ALA A 99 14.78 13.67 23.09
C ALA A 99 15.67 12.53 22.59
N ALA A 100 15.56 11.35 23.22
CA ALA A 100 16.42 10.24 22.83
C ALA A 100 16.12 9.80 21.40
N ILE A 101 14.85 9.81 21.00
CA ILE A 101 14.49 9.47 19.63
C ILE A 101 15.00 10.54 18.67
N ALA A 102 14.84 11.82 19.03
CA ALA A 102 15.20 12.90 18.12
C ALA A 102 16.69 12.96 17.82
N GLN A 103 17.53 12.58 18.79
CA GLN A 103 18.96 12.77 18.60
C GLN A 103 19.59 11.67 17.74
N SER A 104 19.08 10.44 17.79
CA SER A 104 19.79 9.31 17.19
C SER A 104 19.05 8.59 16.08
N TRP A 105 17.77 8.83 15.87
CA TRP A 105 17.03 8.05 14.90
C TRP A 105 17.54 8.31 13.48
N PRO A 106 17.68 7.28 12.65
CA PRO A 106 18.14 7.50 11.28
C PRO A 106 17.14 8.31 10.47
N ALA A 107 17.67 9.20 9.63
CA ALA A 107 16.82 9.91 8.68
C ALA A 107 16.30 8.95 7.62
N PHE A 108 15.08 9.18 7.17
CA PHE A 108 14.49 8.35 6.13
C PHE A 108 15.14 8.67 4.79
N ASP A 109 15.98 7.77 4.31
CA ASP A 109 16.63 7.90 3.02
C ASP A 109 15.86 7.04 2.02
N PRO A 110 14.95 7.62 1.23
CA PRO A 110 14.01 6.80 0.44
C PRO A 110 14.66 5.73 -0.43
N ASP A 111 15.75 6.05 -1.12
CA ASP A 111 16.40 5.06 -1.98
C ASP A 111 17.28 4.08 -1.21
N HIS A 112 17.27 4.13 0.12
CA HIS A 112 18.11 3.25 0.92
C HIS A 112 17.40 2.63 2.12
N ALA A 113 16.13 2.96 2.36
CA ALA A 113 15.43 2.46 3.53
C ALA A 113 14.75 1.14 3.21
N PRO A 114 15.00 0.07 3.97
CA PRO A 114 14.31 -1.19 3.71
C PRO A 114 12.83 -1.10 4.03
N ALA A 115 12.05 -1.93 3.35
CA ALA A 115 10.61 -1.96 3.54
C ALA A 115 10.26 -2.60 4.89
N TYR A 116 9.04 -2.33 5.34
CA TYR A 116 8.54 -2.94 6.56
C TYR A 116 8.19 -4.40 6.29
N PRO A 117 8.83 -5.36 6.96
CA PRO A 117 8.59 -6.78 6.62
C PRO A 117 7.15 -7.22 6.82
N GLY A 118 6.43 -6.65 7.78
CA GLY A 118 5.08 -7.10 8.08
C GLY A 118 4.09 -6.92 6.95
N PHE A 119 4.39 -6.05 5.99
CA PHE A 119 3.50 -5.82 4.86
C PHE A 119 3.84 -6.67 3.64
N GLY A 120 4.71 -7.67 3.80
CA GLY A 120 5.04 -8.54 2.68
C GLY A 120 6.53 -8.48 2.34
N ALA A 121 7.14 -9.67 2.29
CA ALA A 121 8.54 -9.77 1.94
C ALA A 121 8.80 -9.44 0.48
N ILE A 122 7.77 -9.50 -0.37
CA ILE A 122 7.94 -9.13 -1.78
C ILE A 122 8.27 -7.65 -1.92
N ASN A 123 7.92 -6.82 -0.93
CA ASN A 123 8.07 -5.39 -1.09
C ASN A 123 9.53 -4.96 -1.12
N GLU A 124 10.41 -5.72 -0.44
CA GLU A 124 11.83 -5.39 -0.50
C GLU A 124 12.44 -5.74 -1.84
N PHE A 125 11.88 -6.72 -2.54
CA PHE A 125 12.33 -7.03 -3.90
C PHE A 125 11.82 -5.99 -4.89
N ILE A 126 10.55 -5.60 -4.76
CA ILE A 126 10.00 -4.51 -5.57
C ILE A 126 10.81 -3.25 -5.35
N ARG A 127 11.09 -2.94 -4.09
CA ARG A 127 11.70 -1.66 -3.74
C ARG A 127 13.13 -1.53 -4.27
N THR A 128 13.85 -2.64 -4.40
CA THR A 128 15.22 -2.60 -4.89
C THR A 128 15.32 -2.89 -6.38
N TYR A 129 14.19 -3.00 -7.08
CA TYR A 129 14.23 -3.19 -8.52
C TYR A 129 14.83 -1.96 -9.20
N PRO A 130 15.65 -2.12 -10.22
CA PRO A 130 16.27 -0.96 -10.88
C PRO A 130 15.22 -0.03 -11.47
N GLY A 131 15.37 1.25 -11.19
CA GLY A 131 14.43 2.26 -11.66
C GLY A 131 13.25 2.49 -10.73
N CYS A 132 13.12 1.71 -9.66
CA CYS A 132 12.00 1.89 -8.75
C CYS A 132 12.16 3.18 -7.96
N ARG A 133 11.06 3.91 -7.84
CA ARG A 133 11.03 5.18 -7.11
C ARG A 133 10.37 4.98 -5.74
N ARG A 134 10.70 5.88 -4.82
CA ARG A 134 10.26 5.79 -3.43
C ARG A 134 9.68 7.12 -2.99
N THR A 135 8.55 7.08 -2.28
CA THR A 135 7.97 8.30 -1.74
C THR A 135 8.72 8.74 -0.49
N ALA A 136 8.58 10.02 -0.17
CA ALA A 136 9.31 10.65 0.93
C ALA A 136 8.57 10.58 2.26
N HIS A 137 7.40 9.94 2.31
CA HIS A 137 6.68 9.76 3.56
C HIS A 137 7.22 8.51 4.25
N PRO A 138 7.96 8.65 5.35
CA PRO A 138 8.64 7.48 5.92
C PRO A 138 7.69 6.38 6.38
N ASP A 139 6.55 6.74 6.97
CA ASP A 139 5.66 5.73 7.50
C ASP A 139 4.71 5.16 6.45
N ALA A 140 4.28 5.96 5.49
CA ALA A 140 3.36 5.52 4.45
C ALA A 140 4.05 5.35 3.10
N SER A 141 5.33 5.00 3.12
CA SER A 141 6.15 5.04 1.91
C SER A 141 5.61 4.08 0.84
N MET A 142 5.59 4.56 -0.39
CA MET A 142 5.16 3.77 -1.54
C MET A 142 6.33 3.59 -2.51
N ALA A 143 6.40 2.42 -3.11
CA ALA A 143 7.36 2.14 -4.17
C ALA A 143 6.61 2.01 -5.49
N ALA A 144 7.22 2.51 -6.56
CA ALA A 144 6.57 2.51 -7.86
C ALA A 144 7.57 2.19 -8.96
N ILE A 145 7.12 1.37 -9.91
CA ILE A 145 7.91 0.98 -11.08
C ILE A 145 7.09 1.27 -12.33
N GLY A 146 7.69 2.00 -13.27
CA GLY A 146 7.04 2.28 -14.53
C GLY A 146 7.16 3.72 -14.97
N PRO A 147 6.62 4.04 -16.14
CA PRO A 147 6.71 5.43 -16.64
C PRO A 147 6.05 6.44 -15.74
N ASP A 148 5.03 6.06 -14.99
CA ASP A 148 4.34 6.97 -14.07
C ASP A 148 4.88 6.90 -12.66
N ALA A 149 6.05 6.27 -12.45
CA ALA A 149 6.57 6.06 -11.11
C ALA A 149 6.83 7.38 -10.40
N ALA A 150 7.48 8.32 -11.08
CA ALA A 150 7.79 9.61 -10.46
C ALA A 150 6.52 10.39 -10.14
N TRP A 151 5.54 10.37 -11.05
CA TRP A 151 4.28 11.05 -10.80
C TRP A 151 3.52 10.40 -9.65
N LEU A 152 3.64 9.08 -9.49
CA LEU A 152 2.94 8.41 -8.39
C LEU A 152 3.58 8.75 -7.05
N VAL A 153 4.91 8.67 -6.97
CA VAL A 153 5.58 8.75 -5.67
C VAL A 153 5.67 10.16 -5.12
N ALA A 154 5.52 11.19 -5.94
CA ALA A 154 5.71 12.55 -5.48
C ALA A 154 4.57 13.43 -5.97
N PRO A 155 4.06 14.33 -5.12
CA PRO A 155 4.51 14.51 -3.74
C PRO A 155 3.89 13.51 -2.77
N HIS A 156 4.53 13.31 -1.62
CA HIS A 156 3.99 12.49 -0.53
C HIS A 156 4.40 13.17 0.77
N GLU A 157 3.61 14.16 1.18
CA GLU A 157 3.95 15.00 2.32
C GLU A 157 3.37 14.45 3.61
N MET A 158 3.99 14.84 4.72
CA MET A 158 3.44 14.56 6.04
C MET A 158 2.08 15.25 6.18
N GLY A 159 1.09 14.49 6.65
CA GLY A 159 -0.27 14.98 6.72
C GLY A 159 -1.15 14.54 5.56
N ALA A 160 -0.58 13.87 4.56
CA ALA A 160 -1.34 13.32 3.44
C ALA A 160 -0.87 11.89 3.17
N ALA A 161 -1.06 11.02 4.17
CA ALA A 161 -0.50 9.67 4.10
C ALA A 161 -1.19 8.84 3.02
N TYR A 162 -2.53 8.77 3.05
CA TYR A 162 -3.29 7.96 2.12
C TYR A 162 -4.49 8.66 1.53
N GLY A 163 -4.73 9.93 1.86
CA GLY A 163 -5.86 10.66 1.33
C GLY A 163 -5.50 11.42 0.07
N PRO A 164 -6.22 12.52 -0.18
CA PRO A 164 -5.87 13.37 -1.33
C PRO A 164 -4.42 13.85 -1.25
N ARG A 165 -3.84 14.07 -2.43
CA ARG A 165 -2.44 14.45 -2.65
C ARG A 165 -1.46 13.32 -2.37
N SER A 166 -1.93 12.13 -2.01
CA SER A 166 -1.07 10.99 -1.75
C SER A 166 -0.93 10.12 -2.99
N PRO A 167 0.06 9.24 -3.04
CA PRO A 167 0.16 8.30 -4.17
C PRO A 167 -1.10 7.48 -4.40
N ILE A 168 -1.83 7.14 -3.34
N ILE A 168 -1.83 7.14 -3.34
CA ILE A 168 -3.06 6.39 -3.50
CA ILE A 168 -3.07 6.38 -3.51
C ILE A 168 -4.10 7.21 -4.24
C ILE A 168 -4.11 7.21 -4.25
N ALA A 169 -4.18 8.51 -3.96
CA ALA A 169 -5.14 9.38 -4.63
C ALA A 169 -4.87 9.42 -6.13
N ARG A 170 -3.60 9.57 -6.52
CA ARG A 170 -3.25 9.55 -7.94
C ARG A 170 -3.45 8.16 -8.52
N PHE A 171 -3.16 7.12 -7.75
CA PHE A 171 -3.45 5.75 -8.15
C PHE A 171 -4.94 5.58 -8.46
N LEU A 172 -5.81 6.18 -7.64
CA LEU A 172 -7.25 6.07 -7.88
C LEU A 172 -7.68 6.87 -9.09
N ALA A 173 -6.96 7.93 -9.43
CA ALA A 173 -7.27 8.74 -10.59
C ALA A 173 -6.68 8.18 -11.88
N HIS A 174 -6.07 7.00 -11.84
CA HIS A 174 -5.41 6.42 -13.01
C HIS A 174 -5.92 5.02 -13.28
N ALA A 175 -7.17 4.73 -12.93
CA ALA A 175 -7.81 3.44 -13.19
C ALA A 175 -6.97 2.29 -12.62
N GLY A 176 -6.47 2.47 -11.40
CA GLY A 176 -5.62 1.47 -10.80
C GLY A 176 -6.38 0.18 -10.50
N LYS A 177 -5.64 -0.93 -10.54
CA LYS A 177 -6.17 -2.23 -10.18
C LYS A 177 -5.43 -2.75 -8.95
N ILE A 178 -6.17 -3.31 -8.01
CA ILE A 178 -5.61 -3.87 -6.79
C ILE A 178 -5.49 -5.38 -6.98
N LEU A 179 -4.28 -5.90 -6.80
CA LEU A 179 -3.98 -7.31 -7.08
C LEU A 179 -3.63 -7.99 -5.75
N SER A 180 -4.63 -8.64 -5.16
CA SER A 180 -4.44 -9.41 -3.94
C SER A 180 -4.01 -10.82 -4.31
N ILE A 181 -2.78 -11.19 -3.96
CA ILE A 181 -2.25 -12.51 -4.29
C ILE A 181 -2.14 -13.31 -3.00
N GLY A 182 -3.20 -14.05 -2.65
CA GLY A 182 -3.22 -14.81 -1.41
C GLY A 182 -3.30 -13.98 -0.16
N ALA A 183 -3.47 -12.66 -0.27
CA ALA A 183 -3.55 -11.79 0.89
C ALA A 183 -4.98 -11.68 1.39
N GLY A 184 -5.12 -11.36 2.68
CA GLY A 184 -6.42 -11.22 3.29
C GLY A 184 -7.07 -9.91 2.96
N PRO A 185 -8.37 -9.81 3.27
CA PRO A 185 -9.10 -8.55 3.02
C PRO A 185 -8.60 -7.39 3.85
N ASP A 186 -7.87 -7.65 4.95
CA ASP A 186 -7.31 -6.57 5.74
C ASP A 186 -6.19 -5.84 5.00
N ALA A 187 -5.71 -6.40 3.89
CA ALA A 187 -4.62 -5.81 3.12
C ALA A 187 -5.18 -5.15 1.87
N VAL A 188 -5.93 -4.07 2.09
CA VAL A 188 -6.34 -3.18 1.00
C VAL A 188 -5.99 -1.76 1.42
N THR A 189 -4.72 -1.38 1.20
CA THR A 189 -4.22 -0.09 1.65
C THR A 189 -5.03 1.06 1.07
N ALA A 190 -5.48 0.91 -0.19
CA ALA A 190 -6.18 1.99 -0.86
C ALA A 190 -7.46 2.42 -0.15
N LEU A 191 -8.05 1.53 0.66
CA LEU A 191 -9.26 1.89 1.39
C LEU A 191 -8.99 2.92 2.48
N HIS A 192 -7.73 3.18 2.83
CA HIS A 192 -7.42 4.30 3.71
C HIS A 192 -7.77 5.64 3.08
N TYR A 193 -7.85 5.71 1.76
CA TYR A 193 -8.36 6.91 1.10
C TYR A 193 -9.85 7.09 1.39
N ALA A 194 -10.61 6.00 1.36
CA ALA A 194 -12.05 6.07 1.60
C ALA A 194 -12.35 6.66 2.97
N GLU A 195 -11.61 6.22 3.99
CA GLU A 195 -11.85 6.74 5.33
C GLU A 195 -11.24 8.13 5.53
N ALA A 196 -10.32 8.55 4.67
CA ALA A 196 -9.77 9.89 4.76
C ALA A 196 -10.77 10.94 4.31
N VAL A 197 -11.55 10.63 3.26
CA VAL A 197 -12.49 11.61 2.70
C VAL A 197 -13.93 11.36 3.12
N ALA A 198 -14.21 10.28 3.85
CA ALA A 198 -15.56 9.99 4.27
C ALA A 198 -16.07 11.07 5.22
N ARG A 199 -17.28 11.56 4.96
CA ARG A 199 -17.89 12.61 5.77
C ARG A 199 -18.68 11.97 6.91
N ILE A 200 -17.95 11.55 7.94
CA ILE A 200 -18.56 10.92 9.11
C ILE A 200 -18.02 11.58 10.37
N GLU A 201 -18.74 11.35 11.47
CA GLU A 201 -18.41 11.94 12.76
C GLU A 201 -17.37 11.09 13.50
N GLY A 202 -16.55 11.77 14.29
CA GLY A 202 -15.66 11.09 15.22
C GLY A 202 -14.49 10.36 14.60
N LYS A 203 -14.01 10.81 13.44
CA LYS A 203 -12.86 10.17 12.81
C LYS A 203 -11.61 10.37 13.68
N ARG A 204 -10.90 9.28 13.94
CA ARG A 204 -9.72 9.38 14.80
C ARG A 204 -8.55 10.01 14.04
N ARG A 205 -7.81 10.86 14.74
CA ARG A 205 -6.59 11.43 14.21
C ARG A 205 -5.44 11.11 15.15
N VAL A 206 -4.23 11.08 14.59
CA VAL A 206 -3.02 10.76 15.34
C VAL A 206 -1.98 11.83 15.07
N THR A 207 -1.04 11.96 15.99
CA THR A 207 0.07 12.88 15.85
C THR A 207 1.37 12.12 16.03
N TYR A 208 2.29 12.26 15.08
CA TYR A 208 3.56 11.57 15.14
C TYR A 208 4.61 12.37 14.38
N SER A 209 5.87 11.96 14.55
CA SER A 209 7.01 12.68 13.98
C SER A 209 7.84 11.74 13.13
N MET A 210 8.37 12.26 12.02
CA MET A 210 9.19 11.51 11.10
C MET A 210 10.46 12.27 10.74
N PRO A 211 11.60 11.59 10.66
CA PRO A 211 12.83 12.27 10.26
C PRO A 211 13.06 12.22 8.76
N LEU A 212 12.83 13.34 8.08
CA LEU A 212 13.00 13.42 6.64
C LEU A 212 14.45 13.75 6.29
N LEU A 213 14.85 13.34 5.09
CA LEU A 213 16.17 13.64 4.54
C LEU A 213 15.97 14.66 3.42
N ARG A 214 16.21 15.93 3.73
CA ARG A 214 16.04 17.03 2.78
C ARG A 214 17.40 17.64 2.49
N GLU A 215 17.89 17.45 1.26
CA GLU A 215 19.18 17.97 0.82
C GLU A 215 20.31 17.48 1.73
N GLY A 216 20.29 16.18 2.03
CA GLY A 216 21.28 15.59 2.89
C GLY A 216 21.16 15.94 4.36
N LYS A 217 20.18 16.76 4.74
CA LYS A 217 20.02 17.20 6.12
C LYS A 217 18.79 16.52 6.73
N ARG A 218 18.97 15.98 7.94
CA ARG A 218 17.88 15.34 8.65
C ARG A 218 16.97 16.41 9.25
N VAL A 219 15.68 16.36 8.91
CA VAL A 219 14.69 17.31 9.39
C VAL A 219 13.57 16.54 10.05
N TRP A 220 13.28 16.85 11.30
CA TRP A 220 12.16 16.24 12.01
C TRP A 220 10.88 17.00 11.67
N VAL A 221 9.86 16.27 11.22
CA VAL A 221 8.58 16.85 10.85
C VAL A 221 7.50 16.20 11.69
N THR A 222 6.73 17.01 12.40
CA THR A 222 5.61 16.56 13.22
C THR A 222 4.31 16.97 12.53
N THR A 223 3.40 16.01 12.36
CA THR A 223 2.15 16.26 11.67
C THR A 223 1.03 15.51 12.36
N SER A 224 -0.20 15.88 12.00
CA SER A 224 -1.39 15.12 12.34
C SER A 224 -1.99 14.55 11.05
N ASP A 225 -2.64 13.40 11.17
CA ASP A 225 -3.26 12.75 10.03
C ASP A 225 -4.32 11.78 10.54
N TRP A 226 -5.09 11.23 9.62
CA TRP A 226 -6.09 10.24 9.99
C TRP A 226 -5.41 8.97 10.49
N ASP A 227 -6.03 8.32 11.47
CA ASP A 227 -5.50 7.09 12.01
C ASP A 227 -5.62 5.97 10.99
N SER A 228 -4.47 5.43 10.57
CA SER A 228 -4.45 4.33 9.62
C SER A 228 -4.63 2.97 10.27
N ASN A 229 -4.82 2.92 11.59
CA ASN A 229 -5.13 1.68 12.29
C ASN A 229 -6.61 1.60 12.68
N GLY A 230 -7.47 2.32 11.98
CA GLY A 230 -8.89 2.36 12.30
C GLY A 230 -9.42 3.78 12.32
N ILE A 231 -10.32 4.10 11.38
CA ILE A 231 -10.80 5.47 11.26
C ILE A 231 -11.80 5.83 12.36
N LEU A 232 -12.42 4.84 12.99
CA LEU A 232 -13.33 5.09 14.10
C LEU A 232 -12.92 4.21 15.28
N ASP A 233 -13.39 4.59 16.47
CA ASP A 233 -13.04 3.88 17.69
C ASP A 233 -13.38 2.39 17.57
N GLU A 234 -14.58 2.07 17.10
CA GLU A 234 -15.01 0.68 17.02
C GLU A 234 -14.20 -0.12 16.00
N TYR A 235 -13.49 0.54 15.09
CA TYR A 235 -12.70 -0.13 14.07
C TYR A 235 -11.21 -0.14 14.41
N ALA A 236 -10.82 0.36 15.58
CA ALA A 236 -9.43 0.53 15.92
C ALA A 236 -8.94 -0.40 17.04
N ALA A 237 -9.79 -1.29 17.54
CA ALA A 237 -9.33 -2.27 18.51
C ALA A 237 -8.37 -3.24 17.84
N PRO A 238 -7.28 -3.61 18.51
CA PRO A 238 -6.28 -4.47 17.87
C PRO A 238 -6.62 -5.95 17.84
N ASP A 239 -7.83 -6.36 18.20
CA ASP A 239 -8.11 -7.79 18.28
C ASP A 239 -9.46 -8.26 17.70
N GLY A 240 -10.01 -7.62 16.65
CA GLY A 240 -9.58 -6.40 16.02
C GLY A 240 -9.60 -6.25 14.51
N PRO A 241 -10.72 -6.52 13.84
CA PRO A 241 -10.81 -6.19 12.41
C PRO A 241 -11.07 -4.71 12.23
N ASP A 242 -10.23 -4.07 11.41
CA ASP A 242 -10.33 -2.64 11.22
C ASP A 242 -11.36 -2.33 10.14
N ALA A 243 -11.51 -1.04 9.83
CA ALA A 243 -12.50 -0.62 8.85
C ALA A 243 -12.16 -1.16 7.46
N VAL A 244 -10.87 -1.21 7.13
CA VAL A 244 -10.44 -1.73 5.83
C VAL A 244 -10.95 -3.15 5.63
N GLU A 245 -10.77 -4.00 6.65
CA GLU A 245 -11.17 -5.40 6.53
C GLU A 245 -12.68 -5.54 6.44
N ARG A 246 -13.43 -4.78 7.24
CA ARG A 246 -14.88 -4.88 7.19
C ARG A 246 -15.43 -4.39 5.85
N ILE A 247 -14.86 -3.30 5.33
CA ILE A 247 -15.30 -2.79 4.03
C ILE A 247 -14.95 -3.79 2.93
N ALA A 248 -13.72 -4.31 2.95
CA ALA A 248 -13.28 -5.21 1.89
C ALA A 248 -14.10 -6.49 1.87
N ARG A 249 -14.41 -7.05 3.05
CA ARG A 249 -15.19 -8.28 3.10
C ARG A 249 -16.61 -8.06 2.59
N ASP A 250 -17.23 -6.94 2.98
CA ASP A 250 -18.56 -6.63 2.49
C ASP A 250 -18.55 -6.40 0.97
N TYR A 251 -17.49 -5.77 0.47
CA TYR A 251 -17.37 -5.54 -0.97
C TYR A 251 -17.21 -6.86 -1.72
N LEU A 252 -16.26 -7.69 -1.28
CA LEU A 252 -16.01 -8.96 -1.94
C LEU A 252 -17.20 -9.92 -1.84
N ALA A 253 -18.08 -9.72 -0.86
CA ALA A 253 -19.27 -10.54 -0.73
C ALA A 253 -20.40 -10.09 -1.64
N ARG A 254 -20.32 -8.88 -2.19
CA ARG A 254 -21.39 -8.32 -3.02
C ARG A 254 -20.98 -8.05 -4.45
N THR A 255 -19.72 -8.25 -4.81
CA THR A 255 -19.18 -7.78 -6.08
C THR A 255 -18.57 -8.94 -6.86
N ARG A 256 -18.84 -8.95 -8.17
CA ARG A 256 -18.17 -9.89 -9.06
C ARG A 256 -16.76 -9.40 -9.32
N VAL A 257 -15.77 -10.20 -8.94
CA VAL A 257 -14.37 -9.85 -9.02
C VAL A 257 -13.61 -11.00 -9.65
N ALA A 258 -12.79 -10.71 -10.66
CA ALA A 258 -12.00 -11.74 -11.31
C ALA A 258 -11.12 -12.46 -10.30
N GLN A 259 -11.31 -13.77 -10.18
CA GLN A 259 -10.58 -14.59 -9.24
C GLN A 259 -9.94 -15.77 -9.96
N GLY A 260 -8.77 -16.17 -9.48
CA GLY A 260 -8.02 -17.24 -10.08
C GLY A 260 -6.68 -17.43 -9.40
N PRO A 261 -5.94 -18.46 -9.81
CA PRO A 261 -4.66 -18.74 -9.16
C PRO A 261 -3.53 -17.90 -9.72
N VAL A 262 -2.61 -17.55 -8.84
CA VAL A 262 -1.32 -16.96 -9.19
C VAL A 262 -0.29 -17.74 -8.38
N GLY A 263 0.41 -18.66 -9.03
CA GLY A 263 1.16 -19.65 -8.27
C GLY A 263 0.17 -20.57 -7.57
N GLY A 264 0.41 -20.82 -6.28
CA GLY A 264 -0.53 -21.55 -5.46
C GLY A 264 -1.52 -20.69 -4.70
N ALA A 265 -1.53 -19.38 -4.95
CA ALA A 265 -2.33 -18.44 -4.18
C ALA A 265 -3.60 -18.07 -4.93
N GLN A 266 -4.74 -18.16 -4.25
CA GLN A 266 -5.99 -17.64 -4.81
C GLN A 266 -5.92 -16.12 -4.84
N SER A 267 -6.20 -15.55 -6.00
CA SER A 267 -5.94 -14.13 -6.22
C SER A 267 -7.20 -13.42 -6.71
N ARG A 268 -7.21 -12.10 -6.53
CA ARG A 268 -8.31 -11.24 -6.94
C ARG A 268 -7.74 -10.00 -7.63
N LEU A 269 -8.40 -9.59 -8.71
CA LEU A 269 -8.09 -8.34 -9.40
C LEU A 269 -9.25 -7.40 -9.20
N ILE A 270 -9.03 -6.33 -8.42
CA ILE A 270 -10.08 -5.45 -7.95
C ILE A 270 -9.92 -4.08 -8.58
N ASP A 271 -11.05 -3.49 -9.01
CA ASP A 271 -11.04 -2.12 -9.48
C ASP A 271 -10.89 -1.18 -8.29
N ALA A 272 -9.80 -0.40 -8.27
CA ALA A 272 -9.47 0.38 -7.09
C ALA A 272 -10.49 1.49 -6.85
N ALA A 273 -10.87 2.21 -7.91
CA ALA A 273 -11.84 3.29 -7.75
C ALA A 273 -13.21 2.77 -7.33
N ASP A 274 -13.57 1.55 -7.73
CA ASP A 274 -14.88 1.01 -7.38
C ASP A 274 -14.94 0.58 -5.91
N ILE A 275 -13.88 -0.05 -5.40
CA ILE A 275 -13.90 -0.48 -4.01
C ILE A 275 -13.77 0.72 -3.07
N VAL A 276 -13.10 1.79 -3.52
CA VAL A 276 -12.98 2.98 -2.68
C VAL A 276 -14.31 3.74 -2.64
N SER A 277 -15.00 3.84 -3.78
CA SER A 277 -16.33 4.43 -3.78
C SER A 277 -17.27 3.64 -2.89
N PHE A 278 -17.20 2.31 -2.96
CA PHE A 278 -17.96 1.47 -2.04
C PHE A 278 -17.59 1.75 -0.60
N GLY A 279 -16.29 1.92 -0.33
CA GLY A 279 -15.85 2.19 1.03
C GLY A 279 -16.38 3.50 1.58
N ILE A 280 -16.41 4.54 0.76
CA ILE A 280 -16.96 5.82 1.20
C ILE A 280 -18.45 5.69 1.48
N GLU A 281 -19.19 5.08 0.56
CA GLU A 281 -20.62 4.84 0.77
C GLU A 281 -20.85 3.94 1.97
N TRP A 282 -19.97 2.97 2.19
CA TRP A 282 -20.08 2.07 3.33
C TRP A 282 -19.95 2.83 4.65
N LEU A 283 -18.97 3.74 4.73
CA LEU A 283 -18.75 4.47 5.97
C LEU A 283 -19.83 5.52 6.21
N GLU A 284 -20.20 6.26 5.17
CA GLU A 284 -21.19 7.31 5.32
C GLU A 284 -22.59 6.77 5.59
N ALA A 285 -22.87 5.53 5.19
CA ALA A 285 -24.18 4.96 5.45
C ALA A 285 -24.35 4.53 6.90
N ARG A 286 -23.26 4.27 7.61
CA ARG A 286 -23.34 3.74 8.96
C ARG A 286 -23.01 4.76 10.04
N HIS A 287 -22.59 5.97 9.67
CA HIS A 287 -22.20 6.98 10.63
C HIS A 287 -22.64 8.35 10.13
N ALA A 288 -23.25 9.14 11.02
CA ALA A 288 -23.76 10.45 10.66
C ALA A 288 -22.62 11.40 10.30
N ALA A 289 -22.98 12.52 9.68
CA ALA A 289 -22.00 13.50 9.25
C ALA A 289 -21.87 14.64 10.26
N1A COA B . 14.37 -14.24 0.14
C2A COA B . 13.60 -15.37 0.10
N3A COA B . 12.56 -15.52 0.97
C4A COA B . 12.29 -14.55 1.89
C5A COA B . 13.04 -13.45 1.94
C6A COA B . 14.10 -13.28 1.04
N6A COA B . 15.03 -12.22 0.89
N7A COA B . 12.55 -12.66 2.92
C8A COA B . 11.51 -13.29 3.48
N9A COA B . 11.34 -14.46 2.84
C1B COA B . 10.37 -15.49 3.06
C2B COA B . 10.07 -15.66 4.32
O2B COA B . 11.16 -16.28 5.02
C3B COA B . 8.89 -16.63 4.16
O3B COA B . 9.35 -17.79 3.67
P3B COA B . 9.27 -19.20 4.62
O7A COA B . 7.88 -19.78 4.53
O8A COA B . 9.60 -18.86 6.09
O9A COA B . 10.27 -20.20 4.10
C4B COA B . 8.04 -15.92 3.04
O4B COA B . 8.90 -15.17 2.38
C5B COA B . 6.97 -15.05 3.66
O5B COA B . 6.67 -13.97 2.80
P1A COA B . 5.42 -12.96 3.18
O1A COA B . 5.95 -11.59 3.51
O2A COA B . 4.49 -12.87 2.00
O3A COA B . 4.59 -13.54 4.50
P2A COA B . 3.19 -14.50 4.41
O4A COA B . 3.14 -15.43 5.61
O5A COA B . 3.21 -15.30 3.13
O6A COA B . 1.85 -13.53 4.43
CBP COA B . 1.14 -11.36 5.16
CCP COA B . 1.62 -12.75 5.59
CDP COA B . 2.32 -10.57 4.71
CEP COA B . 0.49 -10.68 6.34
CAP COA B . 0.12 -11.53 4.01
OAP COA B . -0.93 -12.31 4.42
C9P COA B . -0.42 -10.13 3.59
O9P COA B . -1.44 -9.69 4.07
N8P COA B . 0.36 -9.30 2.57
C7P COA B . -0.17 -7.93 2.20
C6P COA B . 0.23 -7.02 3.37
C5P COA B . -0.17 -5.55 3.12
O5P COA B . 0.02 -5.05 2.05
N4P COA B . -0.76 -4.81 4.17
C3P COA B . -1.15 -3.43 3.96
C2P COA B . -2.05 -2.96 5.15
S1P COA B . -2.42 -1.16 4.94
#